data_1BHX
#
_entry.id   1BHX
#
_cell.length_a   71.000
_cell.length_b   72.200
_cell.length_c   73.100
_cell.angle_alpha   90.00
_cell.angle_beta   100.70
_cell.angle_gamma   90.00
#
_symmetry.space_group_name_H-M   'C 1 2 1'
#
loop_
_entity.id
_entity.type
_entity.pdbx_description
1 polymer 'ALPHA THROMBIN'
2 polymer 'ALPHA THROMBIN'
3 polymer 'ALPHA THROMBIN'
4 polymer 'ALPHA THROMBIN'
5 non-polymer '5-OXO-6-PHENYLMETHANESULFONYLAMINO-HEXAHYDRO-THIAZOLO[3,2-A]PYRIDINE-3-CARBOXYLIC ACID (3-GUANIDINO-PROPYL)-AMIDE'
6 water water
#
loop_
_entity_poly.entity_id
_entity_poly.type
_entity_poly.pdbx_seq_one_letter_code
_entity_poly.pdbx_strand_id
1 'polypeptide(L)' SGEADCGLRPLFEKKSLEDKTERELLESYI A
2 'polypeptide(L)'
;IVEGSDAEIGMSPWQVMLFRKSPQELLCGASLISDRWVLTAAHCLLYPPWDKNFTENDLLVRIGKHSRTRYERNIEKISM
LEKIYIHPRYNWRENLDRDIALMKLKKPVAFSDYIHPVCLPDRETAASLLQAGYKGRVTGWGNLKET
;
B
3 'polypeptide(L)'
;GQPSVLQVVNLPIVERPVCKDSTRIRITDNMFCAGYKPDEGKRGDACEGDSGGPFVMKSPFNNRWYQMGIVSWGEGCDRD
GKYGFYTHVFRLKKWIQKVIDQFGE
;
F
4 'polypeptide(L)' DFEEI E
#
# COMPACT_ATOMS: atom_id res chain seq x y z
N SER A 1 -6.14 -8.13 13.66
CA SER A 1 -5.02 -9.10 13.54
C SER A 1 -3.78 -8.26 13.31
N GLY A 2 -2.67 -8.91 12.97
CA GLY A 2 -1.42 -8.22 12.75
C GLY A 2 -0.58 -8.50 13.99
N GLU A 3 0.63 -7.93 14.05
CA GLU A 3 1.54 -8.11 15.19
C GLU A 3 1.14 -7.46 16.53
N ALA A 4 1.74 -7.92 17.61
CA ALA A 4 1.46 -7.42 18.97
C ALA A 4 1.40 -5.90 19.15
N ASP A 5 2.27 -5.21 18.44
CA ASP A 5 2.28 -3.75 18.57
C ASP A 5 1.90 -3.11 17.25
N CYS A 6 1.47 -3.93 16.29
CA CYS A 6 1.10 -3.44 14.97
C CYS A 6 0.12 -2.28 14.98
N GLY A 7 0.33 -1.40 14.00
CA GLY A 7 -0.50 -0.22 13.80
C GLY A 7 -0.52 0.93 14.77
N LEU A 8 0.37 0.94 15.77
CA LEU A 8 0.46 2.03 16.75
C LEU A 8 1.78 2.68 16.40
N ARG A 9 1.71 3.83 15.73
CA ARG A 9 2.89 4.57 15.30
C ARG A 9 3.75 5.17 16.44
N PRO A 10 5.06 4.89 16.45
CA PRO A 10 5.91 5.48 17.49
C PRO A 10 5.72 6.97 17.69
N LEU A 11 5.73 7.73 16.61
CA LEU A 11 5.58 9.18 16.71
C LEU A 11 4.19 9.79 16.83
N PHE A 12 3.13 8.98 16.89
CA PHE A 12 1.75 9.49 17.00
C PHE A 12 0.88 8.78 18.05
N GLU A 13 0.35 7.58 17.78
CA GLU A 13 -0.47 6.90 18.76
C GLU A 13 0.25 6.69 20.08
N LYS A 14 1.53 6.30 20.01
CA LYS A 14 2.26 6.09 21.24
C LYS A 14 2.54 7.27 22.15
N LYS A 15 2.47 8.49 21.61
CA LYS A 15 2.70 9.73 22.33
C LYS A 15 1.40 10.48 22.40
N SER A 16 0.35 9.83 21.93
CA SER A 16 -0.99 10.40 21.89
C SER A 16 -1.06 11.68 21.03
N LEU A 17 -0.29 11.73 19.95
CA LEU A 17 -0.31 12.87 19.05
C LEU A 17 -1.04 12.41 17.80
N GLU A 18 -1.87 13.25 17.22
CA GLU A 18 -2.63 12.94 16.00
C GLU A 18 -2.02 13.61 14.80
N ASP A 19 -2.11 12.95 13.64
CA ASP A 19 -1.56 13.56 12.45
C ASP A 19 -2.61 14.56 11.91
N LYS A 20 -2.21 15.39 10.97
CA LYS A 20 -3.06 16.41 10.37
C LYS A 20 -4.38 16.06 9.69
N THR A 21 -4.57 14.84 9.25
CA THR A 21 -5.83 14.53 8.58
C THR A 21 -6.52 13.27 9.06
N GLU A 22 -5.99 12.60 10.10
CA GLU A 22 -6.67 11.39 10.56
C GLU A 22 -8.09 11.69 11.03
N ARG A 23 -8.39 12.90 11.47
CA ARG A 23 -9.74 13.25 11.92
C ARG A 23 -10.75 13.03 10.76
N GLU A 24 -10.36 13.32 9.53
CA GLU A 24 -11.17 13.17 8.31
C GLU A 24 -11.56 11.68 8.14
N LEU A 25 -10.62 10.79 8.44
CA LEU A 25 -10.87 9.35 8.36
C LEU A 25 -11.89 8.96 9.42
N LEU A 26 -11.60 9.30 10.67
CA LEU A 26 -12.51 8.97 11.76
C LEU A 26 -13.89 9.58 11.61
N GLU A 27 -13.99 10.77 11.03
CA GLU A 27 -15.30 11.38 10.85
C GLU A 27 -16.11 10.71 9.76
N SER A 28 -15.49 9.93 8.88
CA SER A 28 -16.23 9.29 7.81
C SER A 28 -16.90 7.97 8.23
N TYR A 29 -16.48 7.45 9.37
CA TYR A 29 -16.99 6.18 9.90
C TYR A 29 -18.27 6.39 10.67
N ILE A 30 -19.18 7.10 10.01
CA ILE A 30 -20.53 7.52 10.44
C ILE A 30 -20.52 8.18 11.85
N ILE B 1 0.93 9.83 -6.31
CA ILE B 1 -0.36 10.24 -5.74
C ILE B 1 -0.70 11.58 -6.43
N VAL B 2 -1.89 11.67 -6.98
CA VAL B 2 -2.41 12.85 -7.66
C VAL B 2 -3.34 13.52 -6.65
N GLU B 3 -3.12 14.81 -6.40
CA GLU B 3 -3.92 15.61 -5.47
C GLU B 3 -3.71 15.25 -4.01
N GLY B 4 -2.51 14.77 -3.66
CA GLY B 4 -2.22 14.42 -2.28
C GLY B 4 -1.39 15.54 -1.65
N SER B 5 -0.86 15.33 -0.43
CA SER B 5 -0.06 16.32 0.25
C SER B 5 1.13 15.56 0.78
N ASP B 6 2.18 16.27 1.17
CA ASP B 6 3.38 15.65 1.71
C ASP B 6 3.10 14.97 3.03
N ALA B 7 3.58 13.76 3.20
CA ALA B 7 3.37 13.05 4.44
C ALA B 7 4.19 13.71 5.57
N GLU B 8 3.76 13.56 6.81
CA GLU B 8 4.49 14.09 7.96
C GLU B 8 5.56 13.01 8.23
N ILE B 9 6.56 13.29 9.02
CA ILE B 9 7.61 12.31 9.31
C ILE B 9 6.91 11.27 10.20
N GLY B 10 7.27 10.01 10.03
CA GLY B 10 6.68 8.93 10.82
C GLY B 10 5.18 8.70 10.70
N MET B 11 4.52 9.40 9.79
CA MET B 11 3.08 9.24 9.60
C MET B 11 2.68 7.87 9.03
N SER B 12 3.61 7.19 8.38
CA SER B 12 3.31 5.90 7.76
C SER B 12 4.57 5.04 7.91
N PRO B 13 4.91 4.65 9.14
CA PRO B 13 6.10 3.83 9.38
C PRO B 13 6.23 2.44 8.73
N TRP B 14 5.18 1.99 8.09
CA TRP B 14 5.20 0.69 7.43
C TRP B 14 5.45 0.84 5.92
N GLN B 15 5.42 2.06 5.39
CA GLN B 15 5.65 2.22 3.97
C GLN B 15 7.05 1.74 3.60
N VAL B 16 7.12 0.83 2.63
CA VAL B 16 8.37 0.29 2.14
C VAL B 16 8.51 0.75 0.68
N MET B 17 9.73 0.80 0.15
CA MET B 17 9.97 1.20 -1.23
C MET B 17 10.65 0.04 -1.95
N LEU B 18 10.15 -0.38 -3.10
CA LEU B 18 10.77 -1.47 -3.88
C LEU B 18 11.74 -0.74 -4.80
N PHE B 19 13.00 -1.10 -4.69
CA PHE B 19 14.03 -0.46 -5.48
C PHE B 19 14.80 -1.47 -6.31
N ARG B 20 14.95 -1.14 -7.58
CA ARG B 20 15.66 -1.98 -8.52
C ARG B 20 17.15 -1.77 -8.33
N LYS B 21 17.93 -2.85 -8.36
CA LYS B 21 19.38 -2.76 -8.20
C LYS B 21 20.06 -2.01 -9.34
N SER B 22 19.68 -2.27 -10.60
CA SER B 22 20.28 -1.57 -11.75
C SER B 22 19.48 -1.81 -13.04
N PRO B 23 18.95 -0.73 -13.66
CA PRO B 23 19.06 0.67 -13.24
C PRO B 23 18.42 0.90 -11.87
N GLN B 24 19.06 1.74 -11.05
CA GLN B 24 18.58 2.06 -9.72
C GLN B 24 17.36 2.89 -10.01
N GLU B 25 16.19 2.37 -9.68
CA GLU B 25 14.95 3.08 -9.91
C GLU B 25 13.85 2.55 -8.99
N LEU B 26 12.85 3.40 -8.74
CA LEU B 26 11.73 3.04 -7.90
C LEU B 26 10.76 2.20 -8.71
N LEU B 27 10.49 1.02 -8.20
CA LEU B 27 9.57 0.09 -8.83
C LEU B 27 8.12 0.16 -8.32
N CYS B 28 7.98 0.12 -7.00
CA CYS B 28 6.70 0.14 -6.36
C CYS B 28 6.84 0.50 -4.90
N GLY B 29 5.68 0.47 -4.25
CA GLY B 29 5.54 0.72 -2.83
C GLY B 29 5.28 -0.70 -2.30
N ALA B 30 5.19 -0.81 -0.98
CA ALA B 30 4.92 -2.09 -0.35
C ALA B 30 4.69 -1.72 1.09
N SER B 31 4.44 -2.70 1.96
CA SER B 31 4.20 -2.38 3.36
C SER B 31 4.84 -3.46 4.21
N LEU B 32 5.23 -3.07 5.42
CA LEU B 32 5.88 -3.98 6.36
C LEU B 32 4.81 -4.54 7.31
N ILE B 33 4.67 -5.85 7.33
CA ILE B 33 3.68 -6.47 8.20
C ILE B 33 4.30 -7.17 9.44
N SER B 34 5.60 -7.39 9.45
CA SER B 34 6.31 -7.99 10.58
C SER B 34 7.77 -7.64 10.37
N ASP B 35 8.69 -8.13 11.21
CA ASP B 35 10.11 -7.82 11.07
C ASP B 35 10.78 -8.46 9.86
N ARG B 36 10.11 -9.44 9.27
CA ARG B 36 10.61 -10.15 8.12
C ARG B 36 9.73 -10.23 6.91
N TRP B 37 8.53 -9.66 6.92
CA TRP B 37 7.65 -9.77 5.74
C TRP B 37 7.16 -8.44 5.23
N VAL B 38 7.13 -8.36 3.91
CA VAL B 38 6.68 -7.19 3.19
C VAL B 38 5.58 -7.69 2.25
N LEU B 39 4.50 -6.94 2.20
CA LEU B 39 3.36 -7.24 1.36
C LEU B 39 3.43 -6.24 0.22
N THR B 40 3.14 -6.66 -1.02
CA THR B 40 3.17 -5.78 -2.20
C THR B 40 2.18 -6.38 -3.20
N ALA B 41 2.06 -5.78 -4.39
CA ALA B 41 1.16 -6.25 -5.45
C ALA B 41 1.97 -7.21 -6.31
N ALA B 42 1.38 -8.30 -6.80
CA ALA B 42 2.12 -9.24 -7.66
C ALA B 42 2.57 -8.65 -8.99
N HIS B 43 1.86 -7.63 -9.48
CA HIS B 43 2.18 -6.98 -10.75
C HIS B 43 3.46 -6.17 -10.71
N CYS B 44 3.93 -5.91 -9.49
CA CYS B 44 5.17 -5.18 -9.26
C CYS B 44 6.39 -6.03 -9.62
N LEU B 45 6.20 -7.35 -9.53
CA LEU B 45 7.19 -8.39 -9.78
C LEU B 45 7.00 -9.19 -11.08
N LEU B 46 5.75 -9.50 -11.40
CA LEU B 46 5.41 -10.27 -12.57
C LEU B 46 4.27 -9.66 -13.39
N TYR B 47 4.60 -9.27 -14.61
CA TYR B 47 3.59 -8.71 -15.49
C TYR B 47 4.11 -8.95 -16.91
N PRO B 48 3.95 -10.19 -17.42
CA PRO B 48 4.36 -10.64 -18.77
C PRO B 48 4.04 -9.72 -19.96
N PRO B 49 2.85 -9.09 -20.03
CA PRO B 49 2.61 -8.24 -21.20
C PRO B 49 3.70 -7.17 -21.43
N TRP B 50 4.30 -6.70 -20.33
CA TRP B 50 5.35 -5.68 -20.35
C TRP B 50 6.73 -6.29 -20.08
N ASP B 51 6.83 -7.60 -20.23
CA ASP B 51 8.08 -8.33 -20.02
C ASP B 51 8.68 -8.16 -18.62
N LYS B 52 7.84 -7.85 -17.65
CA LYS B 52 8.30 -7.67 -16.28
C LYS B 52 8.26 -8.99 -15.55
N ASN B 53 9.36 -9.40 -14.93
CA ASN B 53 9.46 -10.65 -14.18
C ASN B 53 10.76 -10.63 -13.37
N PHE B 54 10.66 -10.01 -12.20
CA PHE B 54 11.73 -9.84 -11.25
C PHE B 54 11.91 -10.98 -10.27
N THR B 55 13.15 -11.21 -9.87
CA THR B 55 13.56 -12.24 -8.93
C THR B 55 14.16 -11.51 -7.71
N GLU B 56 14.35 -12.23 -6.60
CA GLU B 56 14.91 -11.72 -5.35
C GLU B 56 16.16 -10.89 -5.52
N ASN B 57 17.07 -11.41 -6.32
CA ASN B 57 18.30 -10.69 -6.55
C ASN B 57 18.21 -9.44 -7.37
N ASP B 58 17.07 -9.19 -7.99
CA ASP B 58 16.93 -7.98 -8.78
C ASP B 58 16.47 -6.82 -7.93
N LEU B 59 15.97 -7.11 -6.73
CA LEU B 59 15.44 -6.06 -5.87
C LEU B 59 16.08 -5.83 -4.51
N LEU B 60 15.77 -4.64 -4.00
CA LEU B 60 16.22 -4.15 -2.73
C LEU B 60 14.96 -3.50 -2.13
N VAL B 61 14.81 -3.62 -0.82
CA VAL B 61 13.69 -3.07 -0.04
C VAL B 61 14.26 -1.92 0.83
N ARG B 62 13.69 -0.72 0.72
CA ARG B 62 14.15 0.42 1.50
C ARG B 62 13.02 0.81 2.49
N ILE B 63 13.26 0.60 3.78
CA ILE B 63 12.34 0.86 4.87
C ILE B 63 12.71 2.10 5.70
N GLY B 64 11.72 2.86 6.15
CA GLY B 64 11.92 4.05 6.97
C GLY B 64 12.16 5.35 6.22
N LYS B 65 11.78 5.37 4.95
CA LYS B 65 11.96 6.53 4.09
C LYS B 65 10.89 7.63 4.04
N HIS B 66 11.36 8.83 3.66
CA HIS B 66 10.51 10.00 3.53
C HIS B 66 10.83 10.59 2.14
N SER B 67 12.10 10.88 1.91
CA SER B 67 12.58 11.44 0.67
C SER B 67 12.58 10.36 -0.39
N ARG B 68 12.08 10.67 -1.59
CA ARG B 68 12.04 9.72 -2.71
C ARG B 68 13.46 9.34 -3.16
N THR B 69 14.20 10.38 -3.52
CA THR B 69 15.59 10.39 -4.01
C THR B 69 16.78 10.12 -3.10
N ARG B 70 16.77 10.73 -1.93
CA ARG B 70 17.84 10.60 -0.96
C ARG B 70 18.18 9.34 -0.20
N TYR B 71 19.47 9.14 0.04
CA TYR B 71 19.89 7.97 0.81
C TYR B 71 19.93 8.59 2.22
N GLU B 72 18.85 8.43 2.96
CA GLU B 72 18.67 8.95 4.32
C GLU B 72 19.48 8.22 5.40
N ARG B 73 20.80 8.47 5.49
CA ARG B 73 21.68 7.84 6.48
C ARG B 73 21.10 7.90 7.86
N ASN B 74 21.35 6.86 8.64
CA ASN B 74 20.85 6.77 10.00
C ASN B 74 19.34 6.72 10.18
N ILE B 75 18.53 6.77 9.13
CA ILE B 75 17.06 6.73 9.21
C ILE B 75 16.50 5.48 8.49
N GLU B 76 16.74 5.35 7.19
CA GLU B 76 16.27 4.21 6.41
C GLU B 76 17.15 2.96 6.52
N LYS B 77 16.56 1.79 6.25
CA LYS B 77 17.22 0.49 6.28
C LYS B 77 16.93 -0.10 4.91
N ILE B 78 17.94 -0.73 4.35
CA ILE B 78 17.86 -1.35 3.06
C ILE B 78 18.05 -2.83 3.32
N SER B 79 17.16 -3.68 2.82
CA SER B 79 17.26 -5.12 3.03
C SER B 79 17.20 -5.84 1.70
N MET B 80 17.76 -7.05 1.75
CA MET B 80 17.81 -7.95 0.60
C MET B 80 16.71 -8.97 0.81
N LEU B 81 16.24 -9.53 -0.30
CA LEU B 81 15.17 -10.53 -0.31
C LEU B 81 15.70 -11.93 -0.32
N GLU B 82 15.00 -12.78 0.42
CA GLU B 82 15.35 -14.16 0.53
C GLU B 82 14.45 -14.94 -0.40
N LYS B 83 13.15 -14.68 -0.37
CA LYS B 83 12.20 -15.39 -1.22
C LYS B 83 11.01 -14.54 -1.55
N ILE B 84 10.49 -14.68 -2.76
CA ILE B 84 9.32 -13.94 -3.22
C ILE B 84 8.20 -14.95 -3.43
N TYR B 85 6.98 -14.67 -2.94
CA TYR B 85 5.83 -15.55 -3.11
C TYR B 85 4.73 -14.81 -3.84
N ILE B 86 4.27 -15.32 -4.98
CA ILE B 86 3.21 -14.68 -5.77
C ILE B 86 1.99 -15.55 -5.56
N HIS B 87 0.79 -15.00 -5.46
CA HIS B 87 -0.39 -15.83 -5.28
C HIS B 87 -0.45 -16.80 -6.48
N PRO B 88 -0.76 -18.09 -6.23
CA PRO B 88 -0.84 -19.11 -7.29
C PRO B 88 -1.85 -18.77 -8.38
N ARG B 89 -2.97 -18.18 -7.97
CA ARG B 89 -4.05 -17.82 -8.87
C ARG B 89 -4.21 -16.38 -9.28
N TYR B 90 -3.09 -15.67 -9.25
CA TYR B 90 -2.96 -14.28 -9.62
C TYR B 90 -3.29 -14.23 -11.12
N ASN B 91 -4.32 -13.46 -11.49
CA ASN B 91 -4.68 -13.39 -12.90
C ASN B 91 -4.13 -12.20 -13.68
N TRP B 92 -2.93 -12.32 -14.22
CA TRP B 92 -2.32 -11.24 -14.99
C TRP B 92 -2.89 -11.14 -16.40
N ARG B 93 -3.34 -12.27 -16.92
CA ARG B 93 -3.91 -12.35 -18.24
C ARG B 93 -5.13 -11.48 -18.44
N GLU B 94 -5.99 -11.35 -17.45
CA GLU B 94 -7.15 -10.54 -17.68
C GLU B 94 -7.45 -9.28 -16.87
N ASN B 95 -7.56 -9.45 -15.56
CA ASN B 95 -7.89 -8.35 -14.69
C ASN B 95 -7.09 -8.11 -13.42
N LEU B 96 -5.93 -8.73 -13.26
CA LEU B 96 -5.07 -8.57 -12.05
C LEU B 96 -5.85 -8.99 -10.80
N ASP B 97 -6.58 -10.08 -10.93
CA ASP B 97 -7.37 -10.60 -9.86
C ASP B 97 -6.34 -11.30 -8.96
N ARG B 98 -6.48 -11.18 -7.64
CA ARG B 98 -5.60 -11.76 -6.60
C ARG B 98 -4.18 -11.21 -6.78
N ASP B 99 -4.07 -9.90 -7.00
CA ASP B 99 -2.81 -9.19 -7.20
C ASP B 99 -2.12 -9.03 -5.84
N ILE B 100 -1.41 -10.07 -5.40
CA ILE B 100 -0.76 -9.98 -4.09
C ILE B 100 0.52 -10.80 -4.10
N ALA B 101 1.52 -10.41 -3.30
CA ALA B 101 2.78 -11.15 -3.24
C ALA B 101 3.40 -10.79 -1.92
N LEU B 102 4.12 -11.76 -1.36
CA LEU B 102 4.82 -11.63 -0.09
C LEU B 102 6.30 -11.77 -0.38
N MET B 103 7.12 -10.99 0.30
CA MET B 103 8.59 -11.01 0.15
C MET B 103 9.17 -11.21 1.56
N LYS B 104 10.01 -12.21 1.72
CA LYS B 104 10.70 -12.60 2.94
C LYS B 104 12.01 -11.83 2.97
N LEU B 105 12.25 -11.02 4.02
CA LEU B 105 13.49 -10.27 4.13
C LEU B 105 14.58 -11.25 4.60
N LYS B 106 15.78 -11.11 4.05
CA LYS B 106 16.88 -12.00 4.39
C LYS B 106 17.27 -12.02 5.89
N LYS B 107 17.12 -10.88 6.57
CA LYS B 107 17.42 -10.71 7.99
C LYS B 107 16.35 -9.77 8.52
N PRO B 108 15.79 -10.02 9.71
CA PRO B 108 14.72 -9.27 10.37
C PRO B 108 15.18 -7.81 10.47
N VAL B 109 14.23 -6.89 10.38
CA VAL B 109 14.51 -5.46 10.44
C VAL B 109 14.13 -4.90 11.84
N ALA B 110 14.94 -3.98 12.34
CA ALA B 110 14.69 -3.39 13.66
C ALA B 110 13.81 -2.17 13.51
N PHE B 111 12.82 -2.14 14.39
CA PHE B 111 11.85 -1.09 14.46
C PHE B 111 12.49 0.11 15.14
N SER B 112 11.91 1.27 14.86
CA SER B 112 12.35 2.55 15.38
C SER B 112 11.13 3.47 15.25
N ASP B 113 11.39 4.76 15.41
CA ASP B 113 10.30 5.71 15.29
C ASP B 113 9.76 5.80 13.85
N TYR B 114 10.59 5.43 12.87
CA TYR B 114 10.28 5.46 11.44
C TYR B 114 9.95 4.13 10.72
N ILE B 115 10.13 3.02 11.44
CA ILE B 115 9.90 1.67 10.92
C ILE B 115 9.05 0.95 11.97
N HIS B 116 7.84 0.56 11.59
CA HIS B 116 6.90 -0.12 12.47
C HIS B 116 5.83 -0.81 11.60
N PRO B 117 5.50 -2.09 11.87
CA PRO B 117 4.51 -2.84 11.10
C PRO B 117 3.06 -2.40 11.19
N VAL B 118 2.30 -2.62 10.10
CA VAL B 118 0.90 -2.23 10.08
C VAL B 118 0.12 -3.50 10.45
N CYS B 119 -1.14 -3.38 10.89
CA CYS B 119 -1.91 -4.57 11.21
C CYS B 119 -2.67 -5.12 10.03
N LEU B 120 -2.84 -6.43 9.99
CA LEU B 120 -3.60 -7.04 8.90
C LEU B 120 -4.97 -7.19 9.52
N PRO B 121 -6.02 -6.91 8.75
CA PRO B 121 -7.37 -7.06 9.30
C PRO B 121 -7.87 -8.48 9.59
N ASP B 122 -8.79 -8.55 10.55
CA ASP B 122 -9.44 -9.78 10.97
C ASP B 122 -10.85 -9.63 10.37
N ARG B 123 -11.65 -10.70 10.36
CA ARG B 123 -12.99 -10.63 9.79
C ARG B 123 -13.91 -9.55 10.34
N GLU B 124 -13.82 -9.30 11.63
CA GLU B 124 -14.67 -8.29 12.25
C GLU B 124 -14.24 -6.86 11.95
N THR B 125 -12.94 -6.60 11.82
CA THR B 125 -12.48 -5.24 11.54
C THR B 125 -12.89 -4.95 10.09
N ALA B 126 -12.63 -5.93 9.22
CA ALA B 126 -12.96 -5.80 7.82
C ALA B 126 -14.42 -5.44 7.62
N ALA B 127 -15.32 -6.19 8.28
CA ALA B 127 -16.76 -5.99 8.19
C ALA B 127 -17.28 -4.63 8.61
N SER B 128 -16.77 -4.14 9.75
CA SER B 128 -17.19 -2.85 10.25
C SER B 128 -16.63 -1.68 9.48
N LEU B 129 -15.44 -1.83 8.91
CA LEU B 129 -14.84 -0.73 8.17
C LEU B 129 -14.89 -0.64 6.66
N LEU B 130 -14.87 -1.78 5.99
CA LEU B 130 -14.92 -1.76 4.54
C LEU B 130 -16.33 -1.46 4.10
N GLN B 131 -16.72 -0.19 4.17
CA GLN B 131 -18.02 0.27 3.79
C GLN B 131 -17.97 1.53 2.95
N ALA B 132 -18.88 1.61 1.97
CA ALA B 132 -19.00 2.73 1.04
C ALA B 132 -19.13 4.02 1.83
N GLY B 133 -18.32 5.00 1.44
CA GLY B 133 -18.28 6.31 2.08
C GLY B 133 -17.11 6.44 3.05
N TYR B 134 -16.74 5.34 3.70
CA TYR B 134 -15.63 5.36 4.66
C TYR B 134 -14.34 5.65 3.95
N LYS B 135 -13.53 6.47 4.58
CA LYS B 135 -12.25 6.84 4.01
C LYS B 135 -11.11 6.04 4.56
N GLY B 136 -10.18 5.80 3.64
CA GLY B 136 -8.96 5.07 3.87
C GLY B 136 -7.89 6.02 3.39
N ARG B 137 -6.62 5.67 3.54
CA ARG B 137 -5.51 6.51 3.15
C ARG B 137 -4.53 5.75 2.31
N VAL B 138 -4.02 6.37 1.24
CA VAL B 138 -3.04 5.74 0.33
C VAL B 138 -1.79 6.61 0.37
N THR B 139 -0.63 6.00 0.26
CA THR B 139 0.65 6.70 0.28
C THR B 139 1.59 6.16 -0.79
N GLY B 140 2.44 7.03 -1.31
CA GLY B 140 3.38 6.63 -2.34
C GLY B 140 4.25 7.77 -2.85
N TRP B 141 5.32 7.41 -3.55
CA TRP B 141 6.29 8.31 -4.16
C TRP B 141 6.08 8.33 -5.68
N GLY B 142 4.91 7.87 -6.11
CA GLY B 142 4.61 7.83 -7.53
C GLY B 142 4.22 9.18 -8.08
N ASN B 143 3.88 9.10 -9.35
CA ASN B 143 3.46 10.23 -10.15
C ASN B 143 2.41 11.13 -9.54
N LEU B 144 2.67 12.41 -9.72
CA LEU B 144 1.79 13.44 -9.22
C LEU B 144 0.72 13.82 -10.24
N LYS B 145 0.90 13.37 -11.48
CA LYS B 145 -0.02 13.67 -12.56
C LYS B 145 0.04 12.46 -13.46
N GLU B 146 -1.05 12.22 -14.17
CA GLU B 146 -1.11 11.10 -15.11
C GLU B 146 -0.23 11.56 -16.29
N THR B 147 -0.47 12.81 -16.69
CA THR B 147 0.23 13.50 -17.79
C THR B 147 1.69 13.88 -17.44
N GLY C 1 5.04 15.15 -12.60
CA GLY C 1 6.36 15.19 -11.90
C GLY C 1 6.36 14.01 -10.96
N GLN C 2 7.46 13.86 -10.22
CA GLN C 2 7.65 12.80 -9.25
C GLN C 2 7.87 13.67 -8.00
N PRO C 3 7.32 13.29 -6.83
CA PRO C 3 7.50 14.09 -5.61
C PRO C 3 8.85 14.08 -4.92
N SER C 4 9.04 15.06 -4.06
CA SER C 4 10.28 15.15 -3.35
C SER C 4 10.16 14.16 -2.16
N VAL C 5 9.07 14.22 -1.42
CA VAL C 5 8.87 13.34 -0.28
C VAL C 5 7.62 12.49 -0.48
N LEU C 6 7.38 11.55 0.44
CA LEU C 6 6.23 10.65 0.43
C LEU C 6 4.94 11.50 0.46
N GLN C 7 3.95 11.14 -0.37
CA GLN C 7 2.66 11.84 -0.49
C GLN C 7 1.57 10.95 0.12
N VAL C 8 0.49 11.58 0.54
CA VAL C 8 -0.64 10.93 1.17
C VAL C 8 -1.92 11.48 0.60
N VAL C 9 -2.98 10.68 0.55
CA VAL C 9 -4.27 11.14 0.06
C VAL C 9 -5.28 10.22 0.77
N ASN C 10 -6.39 10.77 1.28
CA ASN C 10 -7.45 10.01 1.97
C ASN C 10 -8.57 9.92 0.95
N LEU C 11 -9.05 8.72 0.68
CA LEU C 11 -10.10 8.50 -0.30
C LEU C 11 -11.27 7.68 0.22
N PRO C 12 -12.49 7.96 -0.23
CA PRO C 12 -13.64 7.18 0.26
C PRO C 12 -13.84 5.91 -0.55
N ILE C 13 -14.34 4.87 0.13
CA ILE C 13 -14.61 3.60 -0.53
C ILE C 13 -15.87 3.85 -1.35
N VAL C 14 -15.93 3.28 -2.54
CA VAL C 14 -17.06 3.41 -3.45
C VAL C 14 -17.86 2.09 -3.52
N GLU C 15 -19.16 2.22 -3.71
CA GLU C 15 -20.09 1.10 -3.78
C GLU C 15 -19.74 0.19 -4.96
N ARG C 16 -19.77 -1.12 -4.75
CA ARG C 16 -19.43 -2.07 -5.80
C ARG C 16 -20.07 -1.80 -7.16
N PRO C 17 -21.37 -1.41 -7.22
CA PRO C 17 -22.08 -1.11 -8.47
C PRO C 17 -21.47 0.04 -9.25
N VAL C 18 -21.16 1.09 -8.53
CA VAL C 18 -20.57 2.27 -9.13
C VAL C 18 -19.22 1.86 -9.72
N CYS C 19 -18.53 0.95 -9.04
CA CYS C 19 -17.22 0.46 -9.49
C CYS C 19 -17.32 -0.33 -10.81
N LYS C 20 -18.22 -1.33 -10.89
CA LYS C 20 -18.37 -2.12 -12.12
C LYS C 20 -18.76 -1.24 -13.32
N ASP C 21 -19.65 -0.29 -13.06
CA ASP C 21 -20.12 0.62 -14.09
C ASP C 21 -19.20 1.68 -14.62
N SER C 22 -17.97 1.75 -14.09
CA SER C 22 -17.03 2.76 -14.54
C SER C 22 -16.00 2.14 -15.44
N THR C 23 -16.03 0.83 -15.62
CA THR C 23 -15.02 0.20 -16.44
C THR C 23 -15.56 -0.94 -17.22
N ARG C 24 -14.83 -1.46 -18.18
CA ARG C 24 -15.23 -2.59 -19.01
C ARG C 24 -14.55 -3.83 -18.47
N ILE C 25 -13.56 -3.65 -17.58
CA ILE C 25 -12.79 -4.73 -16.93
C ILE C 25 -13.70 -5.51 -15.96
N ARG C 26 -13.59 -6.83 -15.96
CA ARG C 26 -14.37 -7.68 -15.09
C ARG C 26 -13.90 -7.59 -13.63
N ILE C 27 -14.71 -7.02 -12.75
CA ILE C 27 -14.40 -6.87 -11.31
C ILE C 27 -14.73 -8.17 -10.56
N THR C 28 -13.95 -8.54 -9.55
CA THR C 28 -14.18 -9.75 -8.79
C THR C 28 -14.33 -9.32 -7.33
N ASP C 29 -14.55 -10.27 -6.43
CA ASP C 29 -14.70 -9.95 -5.00
C ASP C 29 -13.37 -9.67 -4.31
N ASN C 30 -12.25 -9.96 -4.95
CA ASN C 30 -10.92 -9.74 -4.40
C ASN C 30 -10.41 -8.36 -4.69
N MET C 31 -11.30 -7.47 -5.10
CA MET C 31 -10.93 -6.09 -5.40
C MET C 31 -12.04 -5.22 -4.89
N PHE C 32 -11.73 -3.93 -4.63
CA PHE C 32 -12.72 -2.93 -4.19
C PHE C 32 -12.17 -1.66 -4.85
N CYS C 33 -12.97 -0.62 -5.07
CA CYS C 33 -12.44 0.59 -5.71
C CYS C 33 -12.66 1.77 -4.78
N ALA C 34 -11.91 2.83 -5.00
CA ALA C 34 -12.02 3.99 -4.14
C ALA C 34 -11.65 5.25 -4.90
N GLY C 35 -12.28 6.34 -4.46
CA GLY C 35 -12.09 7.63 -5.05
C GLY C 35 -13.36 8.45 -4.99
N TYR C 36 -13.25 9.73 -5.32
CA TYR C 36 -14.41 10.61 -5.32
C TYR C 36 -15.11 10.50 -6.69
N LYS C 37 -16.43 10.68 -6.64
CA LYS C 37 -17.34 10.65 -7.77
C LYS C 37 -17.22 12.07 -8.32
N PRO C 38 -17.42 12.25 -9.63
CA PRO C 38 -17.33 13.60 -10.20
C PRO C 38 -18.10 14.75 -9.55
N ASP C 39 -19.26 14.44 -8.98
CA ASP C 39 -20.11 15.44 -8.34
C ASP C 39 -19.70 15.83 -6.93
N GLU C 40 -18.91 14.97 -6.28
CA GLU C 40 -18.44 15.18 -4.90
C GLU C 40 -17.50 16.34 -4.82
N GLY C 41 -16.91 16.69 -5.96
CA GLY C 41 -15.99 17.81 -6.03
C GLY C 41 -14.76 17.76 -5.16
N LYS C 42 -14.09 16.62 -5.16
CA LYS C 42 -12.87 16.48 -4.38
C LYS C 42 -12.17 15.46 -5.26
N ARG C 43 -10.85 15.51 -5.28
CA ARG C 43 -10.10 14.59 -6.12
C ARG C 43 -9.02 13.84 -5.37
N GLY C 44 -8.34 12.98 -6.10
CA GLY C 44 -7.27 12.21 -5.53
C GLY C 44 -7.23 10.84 -6.12
N ASP C 45 -6.04 10.28 -6.23
CA ASP C 45 -5.88 8.96 -6.79
C ASP C 45 -4.40 8.56 -6.72
N ALA C 46 -4.21 7.26 -6.73
CA ALA C 46 -2.89 6.67 -6.72
C ALA C 46 -2.56 6.80 -8.24
N CYS C 47 -1.32 6.56 -8.60
CA CYS C 47 -0.91 6.65 -9.99
C CYS C 47 0.32 5.76 -10.13
N GLU C 48 0.96 5.82 -11.29
CA GLU C 48 2.15 5.05 -11.59
C GLU C 48 3.23 5.33 -10.55
N GLY C 49 3.82 4.25 -10.04
CA GLY C 49 4.84 4.35 -9.03
C GLY C 49 4.21 4.04 -7.69
N ASP C 50 2.90 4.23 -7.52
CA ASP C 50 2.21 3.94 -6.25
C ASP C 50 1.79 2.49 -6.06
N SER C 51 1.81 1.73 -7.14
CA SER C 51 1.45 0.30 -7.16
C SER C 51 2.08 -0.43 -5.99
N GLY C 52 1.37 -1.40 -5.42
CA GLY C 52 1.86 -2.17 -4.30
C GLY C 52 1.83 -1.48 -2.96
N GLY C 53 1.60 -0.18 -2.93
CA GLY C 53 1.57 0.53 -1.65
C GLY C 53 0.31 0.19 -0.86
N PRO C 54 0.28 0.59 0.43
CA PRO C 54 -0.87 0.32 1.31
C PRO C 54 -2.08 1.23 1.30
N PHE C 55 -3.28 0.67 1.38
CA PHE C 55 -4.51 1.47 1.45
C PHE C 55 -4.86 1.12 2.91
N VAL C 56 -4.74 2.07 3.83
CA VAL C 56 -5.01 1.76 5.23
C VAL C 56 -6.16 2.51 5.88
N MET C 57 -6.69 1.94 6.96
CA MET C 57 -7.77 2.53 7.72
C MET C 57 -7.44 2.51 9.21
N LYS C 58 -7.90 3.48 9.98
CA LYS C 58 -7.61 3.48 11.42
C LYS C 58 -8.87 3.04 12.13
N SER C 59 -8.77 1.96 12.88
CA SER C 59 -9.95 1.49 13.60
C SER C 59 -10.32 2.40 14.77
N PRO C 60 -11.62 2.79 14.85
CA PRO C 60 -12.10 3.66 15.91
C PRO C 60 -12.28 2.94 17.24
N PHE C 61 -12.28 1.61 17.22
CA PHE C 61 -12.44 0.73 18.37
C PHE C 61 -11.16 0.50 19.15
N ASN C 62 -10.05 0.36 18.46
CA ASN C 62 -8.79 0.16 19.18
C ASN C 62 -7.68 1.15 18.84
N ASN C 63 -7.97 2.12 17.96
CA ASN C 63 -6.99 3.14 17.60
C ASN C 63 -5.75 2.67 16.81
N ARG C 64 -5.84 1.51 16.17
CA ARG C 64 -4.75 0.97 15.40
C ARG C 64 -4.97 1.11 13.90
N TRP C 65 -3.92 1.03 13.10
CA TRP C 65 -4.00 1.14 11.64
C TRP C 65 -3.99 -0.26 11.05
N TYR C 66 -4.90 -0.50 10.12
CA TYR C 66 -5.07 -1.78 9.44
C TYR C 66 -4.91 -1.59 7.95
N GLN C 67 -4.26 -2.54 7.28
CA GLN C 67 -4.07 -2.47 5.85
C GLN C 67 -5.24 -3.19 5.21
N MET C 68 -6.17 -2.45 4.62
CA MET C 68 -7.35 -3.02 3.97
C MET C 68 -7.17 -3.33 2.50
N GLY C 69 -6.31 -2.55 1.82
CA GLY C 69 -6.04 -2.74 0.39
C GLY C 69 -4.60 -2.56 -0.05
N ILE C 70 -4.27 -2.93 -1.28
CA ILE C 70 -2.93 -2.81 -1.89
C ILE C 70 -3.24 -2.09 -3.21
N VAL C 71 -2.55 -1.00 -3.52
CA VAL C 71 -2.77 -0.23 -4.75
C VAL C 71 -2.55 -1.20 -5.94
N SER C 72 -3.61 -1.43 -6.72
CA SER C 72 -3.52 -2.33 -7.86
C SER C 72 -3.54 -1.68 -9.24
N TRP C 73 -4.72 -1.39 -9.78
CA TRP C 73 -4.86 -0.81 -11.11
C TRP C 73 -5.85 0.30 -11.20
N GLY C 74 -5.82 0.97 -12.35
CA GLY C 74 -6.71 2.08 -12.62
C GLY C 74 -6.58 2.34 -14.12
N GLU C 75 -7.35 3.23 -14.69
CA GLU C 75 -7.33 3.57 -16.11
C GLU C 75 -7.07 5.05 -15.97
N GLY C 76 -5.81 5.40 -16.12
CA GLY C 76 -5.44 6.79 -15.96
C GLY C 76 -5.18 7.05 -14.49
N CYS C 77 -5.27 8.31 -14.05
CA CYS C 77 -5.02 8.64 -12.66
C CYS C 77 -5.87 9.82 -12.47
N ASP C 78 -6.71 9.78 -11.47
CA ASP C 78 -7.62 10.88 -11.15
C ASP C 78 -8.53 11.28 -12.34
N ARG C 79 -8.87 10.35 -13.22
CA ARG C 79 -9.75 10.71 -14.33
C ARG C 79 -11.18 10.78 -13.81
N ASP C 80 -11.94 11.81 -14.14
CA ASP C 80 -13.32 11.90 -13.66
C ASP C 80 -14.08 10.65 -14.08
N GLY C 81 -14.87 10.16 -13.14
CA GLY C 81 -15.68 8.96 -13.33
C GLY C 81 -14.90 7.65 -13.35
N LYS C 82 -13.65 7.66 -12.93
CA LYS C 82 -12.81 6.46 -12.91
C LYS C 82 -12.38 6.30 -11.46
N TYR C 83 -12.07 5.09 -11.04
CA TYR C 83 -11.66 4.85 -9.66
C TYR C 83 -10.42 3.98 -9.57
N GLY C 84 -9.75 3.96 -8.41
CA GLY C 84 -8.59 3.14 -8.28
C GLY C 84 -9.11 1.83 -7.72
N PHE C 85 -8.52 0.70 -8.13
CA PHE C 85 -8.94 -0.61 -7.65
C PHE C 85 -7.80 -1.12 -6.78
N TYR C 86 -8.18 -1.75 -5.68
CA TYR C 86 -7.25 -2.28 -4.71
C TYR C 86 -7.46 -3.74 -4.44
N THR C 87 -6.41 -4.47 -4.07
CA THR C 87 -6.49 -5.89 -3.75
C THR C 87 -7.17 -5.91 -2.37
N HIS C 88 -8.20 -6.72 -2.21
CA HIS C 88 -8.96 -6.85 -0.97
C HIS C 88 -8.15 -7.75 -0.06
N VAL C 89 -7.32 -7.18 0.80
CA VAL C 89 -6.44 -7.95 1.70
C VAL C 89 -7.12 -8.98 2.58
N PHE C 90 -8.23 -8.63 3.22
CA PHE C 90 -8.85 -9.64 4.04
C PHE C 90 -9.29 -10.89 3.29
N ARG C 91 -9.85 -10.77 2.09
CA ARG C 91 -10.28 -11.95 1.33
C ARG C 91 -9.17 -12.90 0.96
N LEU C 92 -7.93 -12.42 0.98
CA LEU C 92 -6.71 -13.18 0.67
C LEU C 92 -5.86 -13.48 1.93
N LYS C 93 -6.42 -13.21 3.08
CA LYS C 93 -5.76 -13.40 4.36
C LYS C 93 -5.36 -14.82 4.67
N LYS C 94 -6.16 -15.82 4.28
CA LYS C 94 -5.84 -17.23 4.56
C LYS C 94 -4.59 -17.61 3.77
N TRP C 95 -4.42 -17.01 2.60
CA TRP C 95 -3.26 -17.30 1.78
C TRP C 95 -2.04 -16.70 2.45
N ILE C 96 -2.22 -15.53 3.06
CA ILE C 96 -1.17 -14.80 3.76
C ILE C 96 -0.79 -15.61 5.00
N GLN C 97 -1.74 -16.06 5.79
CA GLN C 97 -1.38 -16.83 6.98
C GLN C 97 -0.64 -18.10 6.59
N LYS C 98 -1.14 -18.76 5.56
CA LYS C 98 -0.49 -19.97 5.17
C LYS C 98 0.91 -19.83 4.62
N VAL C 99 1.29 -18.84 3.81
CA VAL C 99 2.69 -18.89 3.40
C VAL C 99 3.57 -18.47 4.57
N ILE C 100 3.08 -17.66 5.47
CA ILE C 100 3.92 -17.23 6.60
C ILE C 100 4.27 -18.35 7.55
N ASP C 101 3.27 -19.04 8.07
CA ASP C 101 3.59 -20.09 8.99
C ASP C 101 4.11 -21.35 8.32
N GLN C 102 3.88 -21.49 7.03
CA GLN C 102 4.38 -22.67 6.34
C GLN C 102 5.80 -22.37 5.81
N PHE C 103 6.16 -21.09 5.70
CA PHE C 103 7.48 -20.72 5.19
C PHE C 103 8.40 -19.87 6.06
N GLY C 104 8.02 -19.62 7.31
CA GLY C 104 8.93 -18.83 8.09
C GLY C 104 8.58 -18.04 9.32
N GLU C 105 9.49 -17.10 9.57
CA GLU C 105 9.48 -16.13 10.66
C GLU C 105 8.75 -14.91 10.09
N ASP D 1 18.67 9.91 -11.08
CA ASP D 1 17.81 10.86 -10.31
C ASP D 1 18.05 10.60 -8.81
N PHE D 2 18.09 9.31 -8.48
CA PHE D 2 18.30 8.86 -7.12
C PHE D 2 19.76 8.96 -6.67
N GLU D 3 19.92 9.28 -5.39
CA GLU D 3 21.22 9.41 -4.78
C GLU D 3 21.71 7.98 -4.58
N GLU D 4 22.99 7.83 -4.83
CA GLU D 4 23.72 6.58 -4.72
C GLU D 4 23.65 6.02 -3.31
N ILE D 5 23.38 4.73 -3.25
CA ILE D 5 23.29 4.03 -1.99
C ILE D 5 24.58 3.24 -1.73
#